data_3K6V
#
_entry.id   3K6V
#
_cell.length_a   81.629
_cell.length_b   81.629
_cell.length_c   104.636
_cell.angle_alpha   90.000
_cell.angle_beta   90.000
_cell.angle_gamma   120.000
#
_symmetry.space_group_name_H-M   'P 61'
#
loop_
_entity.id
_entity.type
_entity.pdbx_description
1 polymer 'Solute-binding protein MA_0280'
2 non-polymer 'CITRIC ACID'
3 water water
#
_entity_poly.entity_id   1
_entity_poly.type   'polypeptide(L)'
_entity_poly.pdbx_seq_one_letter_code
;MKHHHHHHPMSDYDIPTTENLYFQGAMADNQPEPGNTSAGEGEVLTVFHAGSLSVPFEELEAEFEAQHPGVDVQREAAGS
AQSVRKITELGKKADVLASADYALIPSLMVPEYADWYAAFARNQMILAYTNESKYGDEINTDNWYEILRRPDVRYGFSNP
NDDPAGYRSQMVTQLAESYYNDDMIYDDLMLANTGMTLTTEENGTALIHVPASEEISPNTSKIMLRSMEVELSSALETGE
IDYLYIYRSVAEQHGFEYVALPPAIDLSSLEYADNYSKVQVEMVNGEVVTGSPIVYGVTIPNNAENSELATEFVALLLGE
TGQQIFIENGQPPIVPAIAEGKDSMPEELQALVV
;
_entity_poly.pdbx_strand_id   A
#
loop_
_chem_comp.id
_chem_comp.type
_chem_comp.name
_chem_comp.formula
CIT non-polymer 'CITRIC ACID' 'C6 H8 O7'
#
# COMPACT_ATOMS: atom_id res chain seq x y z
N GLU A 43 24.20 -23.02 1.66
CA GLU A 43 24.12 -22.06 0.51
C GLU A 43 23.35 -20.78 0.87
N VAL A 44 23.38 -19.80 -0.03
CA VAL A 44 22.83 -18.48 0.24
C VAL A 44 21.69 -18.10 -0.72
N LEU A 45 20.64 -17.51 -0.17
CA LEU A 45 19.54 -16.95 -0.96
C LEU A 45 19.46 -15.45 -0.71
N THR A 46 19.69 -14.67 -1.76
CA THR A 46 19.67 -13.21 -1.68
C THR A 46 18.31 -12.67 -2.09
N VAL A 47 17.65 -11.98 -1.16
CA VAL A 47 16.30 -11.47 -1.38
C VAL A 47 16.27 -9.94 -1.18
N PHE A 48 15.93 -9.22 -2.25
CA PHE A 48 15.71 -7.79 -2.18
C PHE A 48 14.21 -7.54 -2.07
N HIS A 49 13.78 -6.90 -0.99
CA HIS A 49 12.35 -6.63 -0.80
C HIS A 49 12.06 -5.22 -0.28
N ALA A 50 10.90 -4.70 -0.64
CA ALA A 50 10.39 -3.45 -0.10
C ALA A 50 10.36 -3.51 1.43
N GLY A 51 10.66 -2.39 2.06
CA GLY A 51 10.65 -2.29 3.52
C GLY A 51 9.35 -2.78 4.16
N SER A 52 8.22 -2.44 3.55
CA SER A 52 6.90 -2.81 4.08
C SER A 52 6.64 -4.33 4.05
N LEU A 53 7.51 -5.07 3.35
CA LEU A 53 7.43 -6.53 3.32
C LEU A 53 8.28 -7.19 4.41
N SER A 54 8.87 -6.39 5.29
CA SER A 54 9.85 -6.90 6.25
C SER A 54 9.30 -7.95 7.22
N VAL A 55 8.18 -7.67 7.88
CA VAL A 55 7.61 -8.61 8.85
C VAL A 55 7.21 -9.97 8.21
N PRO A 56 6.44 -9.95 7.11
CA PRO A 56 6.11 -11.23 6.48
C PRO A 56 7.32 -11.98 5.93
N PHE A 57 8.28 -11.25 5.36
CA PHE A 57 9.48 -11.87 4.79
C PHE A 57 10.42 -12.40 5.86
N GLU A 58 10.37 -11.81 7.05
CA GLU A 58 11.06 -12.35 8.22
C GLU A 58 10.49 -13.72 8.59
N GLU A 59 9.17 -13.83 8.59
CA GLU A 59 8.48 -15.08 8.90
C GLU A 59 8.73 -16.13 7.82
N LEU A 60 8.80 -15.69 6.57
CA LEU A 60 9.14 -16.58 5.44
C LEU A 60 10.57 -17.10 5.54
N GLU A 61 11.51 -16.20 5.88
CA GLU A 61 12.91 -16.58 6.09
C GLU A 61 13.04 -17.69 7.13
N ALA A 62 12.36 -17.52 8.27
CA ALA A 62 12.40 -18.47 9.37
C ALA A 62 11.86 -19.85 8.96
N GLU A 63 10.70 -19.85 8.29
CA GLU A 63 10.07 -21.09 7.85
C GLU A 63 10.89 -21.79 6.77
N PHE A 64 11.44 -21.02 5.83
CA PHE A 64 12.23 -21.55 4.72
C PHE A 64 13.54 -22.19 5.21
N GLU A 65 14.18 -21.54 6.18
CA GLU A 65 15.39 -22.07 6.79
C GLU A 65 15.12 -23.30 7.66
N ALA A 66 13.92 -23.34 8.25
CA ALA A 66 13.47 -24.50 9.03
C ALA A 66 13.23 -25.71 8.14
N GLN A 67 12.76 -25.45 6.92
CA GLN A 67 12.52 -26.51 5.94
C GLN A 67 13.79 -26.87 5.16
N HIS A 68 14.72 -25.92 5.06
CA HIS A 68 15.98 -26.12 4.35
C HIS A 68 17.16 -25.78 5.25
N PRO A 69 17.71 -26.79 5.96
CA PRO A 69 18.73 -26.65 7.00
C PRO A 69 19.97 -25.84 6.61
N GLY A 70 20.58 -26.17 5.48
CA GLY A 70 21.84 -25.55 5.07
C GLY A 70 21.74 -24.16 4.47
N VAL A 71 20.50 -23.69 4.24
CA VAL A 71 20.26 -22.44 3.54
C VAL A 71 20.36 -21.20 4.44
N ASP A 72 21.06 -20.18 3.95
CA ASP A 72 21.18 -18.90 4.63
C ASP A 72 20.46 -17.81 3.82
N VAL A 73 19.26 -17.45 4.25
CA VAL A 73 18.48 -16.41 3.59
C VAL A 73 18.99 -15.03 4.02
N GLN A 74 19.47 -14.27 3.04
CA GLN A 74 20.00 -12.93 3.27
C GLN A 74 19.09 -11.87 2.63
N ARG A 75 18.24 -11.27 3.44
CA ARG A 75 17.30 -10.24 2.98
C ARG A 75 17.95 -8.85 3.01
N GLU A 76 17.61 -8.05 2.02
CA GLU A 76 17.94 -6.62 2.02
C GLU A 76 16.66 -5.81 1.87
N ALA A 77 16.33 -5.03 2.89
CA ALA A 77 15.15 -4.19 2.87
C ALA A 77 15.47 -2.78 2.41
N ALA A 78 14.66 -2.27 1.48
CA ALA A 78 14.78 -0.91 0.96
C ALA A 78 13.45 -0.47 0.35
N GLY A 79 13.40 0.73 -0.20
CA GLY A 79 12.25 1.16 -1.00
C GLY A 79 12.16 0.31 -2.25
N SER A 80 10.95 0.17 -2.80
CA SER A 80 10.73 -0.71 -3.94
C SER A 80 11.56 -0.34 -5.17
N ALA A 81 11.52 0.93 -5.56
CA ALA A 81 12.29 1.42 -6.70
C ALA A 81 13.80 1.26 -6.49
N GLN A 82 14.24 1.52 -5.26
CA GLN A 82 15.64 1.34 -4.86
C GLN A 82 16.06 -0.12 -4.95
N SER A 83 15.18 -1.02 -4.50
CA SER A 83 15.43 -2.47 -4.57
C SER A 83 15.59 -2.94 -6.01
N VAL A 84 14.75 -2.41 -6.90
CA VAL A 84 14.82 -2.71 -8.34
C VAL A 84 16.09 -2.15 -8.99
N ARG A 85 16.41 -0.90 -8.64
CA ARG A 85 17.60 -0.24 -9.21
C ARG A 85 18.91 -0.92 -8.85
N LYS A 86 18.95 -1.62 -7.73
CA LYS A 86 20.10 -2.44 -7.35
C LYS A 86 20.45 -3.45 -8.45
N ILE A 87 19.40 -4.03 -9.03
CA ILE A 87 19.54 -5.03 -10.08
C ILE A 87 19.72 -4.38 -11.46
N THR A 88 18.90 -3.38 -11.75
CA THR A 88 18.81 -2.80 -13.10
C THR A 88 19.86 -1.72 -13.39
N GLU A 89 20.47 -1.17 -12.34
CA GLU A 89 21.44 -0.07 -12.50
C GLU A 89 22.77 -0.34 -11.82
N LEU A 90 22.72 -0.91 -10.62
CA LEU A 90 23.92 -1.09 -9.78
C LEU A 90 24.65 -2.41 -9.99
N GLY A 91 24.07 -3.29 -10.81
CA GLY A 91 24.69 -4.56 -11.18
C GLY A 91 24.75 -5.60 -10.07
N LYS A 92 23.89 -5.43 -9.07
CA LYS A 92 23.81 -6.37 -7.96
C LYS A 92 22.98 -7.60 -8.34
N LYS A 93 23.33 -8.74 -7.76
CA LYS A 93 22.63 -9.99 -8.04
C LYS A 93 21.72 -10.38 -6.88
N ALA A 94 20.45 -10.63 -7.20
CA ALA A 94 19.47 -11.11 -6.22
C ALA A 94 18.73 -12.30 -6.78
N ASP A 95 18.36 -13.22 -5.90
CA ASP A 95 17.60 -14.40 -6.29
C ASP A 95 16.10 -14.10 -6.33
N VAL A 96 15.66 -13.21 -5.45
CA VAL A 96 14.26 -12.81 -5.34
C VAL A 96 14.15 -11.29 -5.24
N LEU A 97 13.26 -10.71 -6.05
CA LEU A 97 12.94 -9.29 -5.96
C LEU A 97 11.46 -9.14 -5.67
N ALA A 98 11.13 -8.45 -4.58
CA ALA A 98 9.74 -8.20 -4.22
C ALA A 98 9.47 -6.70 -4.05
N SER A 99 8.54 -6.19 -4.85
CA SER A 99 8.24 -4.75 -4.92
C SER A 99 6.87 -4.45 -4.32
N ALA A 100 6.76 -3.30 -3.64
CA ALA A 100 5.48 -2.85 -3.09
C ALA A 100 4.57 -2.27 -4.16
N ASP A 101 5.14 -2.07 -5.35
CA ASP A 101 4.39 -1.70 -6.54
C ASP A 101 4.79 -2.67 -7.62
N TYR A 102 3.91 -3.64 -7.89
CA TYR A 102 4.19 -4.69 -8.87
C TYR A 102 4.59 -4.13 -10.24
N ALA A 103 4.01 -2.99 -10.60
CA ALA A 103 4.19 -2.37 -11.92
C ALA A 103 5.62 -1.95 -12.21
N LEU A 104 6.43 -1.78 -11.15
CA LEU A 104 7.84 -1.48 -11.29
C LEU A 104 8.62 -2.59 -11.99
N ILE A 105 8.15 -3.82 -11.85
CA ILE A 105 8.81 -4.96 -12.48
C ILE A 105 8.71 -4.93 -14.03
N PRO A 106 7.48 -4.87 -14.60
CA PRO A 106 7.42 -4.72 -16.05
C PRO A 106 8.00 -3.39 -16.56
N SER A 107 7.84 -2.33 -15.78
CA SER A 107 8.34 -1.01 -16.17
C SER A 107 9.87 -0.96 -16.29
N LEU A 108 10.56 -1.58 -15.33
CA LEU A 108 12.01 -1.41 -15.22
C LEU A 108 12.86 -2.67 -15.45
N MET A 109 12.26 -3.85 -15.27
CA MET A 109 13.02 -5.10 -15.32
C MET A 109 12.78 -5.94 -16.59
N VAL A 110 11.57 -5.86 -17.13
CA VAL A 110 11.18 -6.66 -18.30
C VAL A 110 11.55 -5.93 -19.59
N PRO A 111 12.23 -6.62 -20.53
CA PRO A 111 12.60 -8.03 -20.52
C PRO A 111 14.02 -8.39 -20.07
N GLU A 112 14.88 -7.38 -19.88
CA GLU A 112 16.31 -7.66 -19.67
C GLU A 112 16.62 -8.38 -18.36
N TYR A 113 15.93 -8.02 -17.29
CA TYR A 113 16.20 -8.58 -15.97
C TYR A 113 15.12 -9.51 -15.44
N ALA A 114 13.96 -9.51 -16.11
CA ALA A 114 12.85 -10.39 -15.73
C ALA A 114 12.07 -10.90 -16.93
N ASP A 115 11.68 -12.19 -16.88
CA ASP A 115 10.87 -12.82 -17.92
C ASP A 115 9.40 -12.94 -17.50
N TRP A 116 9.15 -12.76 -16.20
CA TRP A 116 7.82 -12.93 -15.63
C TRP A 116 7.71 -12.13 -14.35
N TYR A 117 6.49 -11.97 -13.87
CA TYR A 117 6.26 -11.43 -12.53
C TYR A 117 4.89 -11.87 -12.04
N ALA A 118 4.71 -11.86 -10.73
CA ALA A 118 3.44 -12.26 -10.14
C ALA A 118 2.99 -11.23 -9.11
N ALA A 119 1.74 -10.80 -9.24
CA ALA A 119 1.09 -9.93 -8.27
C ALA A 119 0.49 -10.86 -7.20
N PHE A 120 0.96 -10.73 -5.96
CA PHE A 120 0.73 -11.78 -4.96
C PHE A 120 0.00 -11.36 -3.68
N ALA A 121 0.01 -10.06 -3.40
CA ALA A 121 -0.66 -9.52 -2.21
C ALA A 121 -0.94 -8.04 -2.38
N ARG A 122 -1.68 -7.46 -1.45
CA ARG A 122 -2.04 -6.06 -1.54
C ARG A 122 -2.04 -5.37 -0.20
N ASN A 123 -2.03 -4.04 -0.22
CA ASN A 123 -2.42 -3.28 0.96
C ASN A 123 -3.80 -2.70 0.74
N GLN A 124 -4.40 -2.18 1.80
CA GLN A 124 -5.68 -1.50 1.66
C GLN A 124 -5.73 -0.30 2.59
N MET A 125 -6.32 0.79 2.10
CA MET A 125 -6.54 1.97 2.91
C MET A 125 -7.70 1.70 3.86
N ILE A 126 -7.50 1.99 5.14
CA ILE A 126 -8.56 1.87 6.13
C ILE A 126 -8.63 3.14 6.96
N LEU A 127 -9.64 3.24 7.82
CA LEU A 127 -9.72 4.34 8.77
C LEU A 127 -9.55 3.77 10.18
N ALA A 128 -8.39 4.01 10.77
CA ALA A 128 -8.03 3.44 12.06
C ALA A 128 -8.57 4.25 13.23
N TYR A 129 -8.89 3.56 14.31
CA TYR A 129 -9.33 4.21 15.55
C TYR A 129 -9.04 3.33 16.75
N THR A 130 -9.38 3.84 17.94
CA THR A 130 -9.21 3.08 19.18
C THR A 130 -10.45 3.22 20.04
N ASN A 131 -10.44 2.55 21.19
CA ASN A 131 -11.50 2.67 22.19
C ASN A 131 -11.63 4.08 22.80
N GLU A 132 -10.66 4.95 22.50
CA GLU A 132 -10.68 6.34 22.96
C GLU A 132 -11.25 7.30 21.91
N SER A 133 -11.52 6.79 20.72
CA SER A 133 -11.99 7.63 19.62
C SER A 133 -13.44 8.01 19.79
N LYS A 134 -13.75 9.28 19.54
CA LYS A 134 -15.13 9.78 19.58
C LYS A 134 -15.99 9.04 18.56
N TYR A 135 -17.10 8.50 19.04
CA TYR A 135 -18.11 7.80 18.22
C TYR A 135 -17.62 6.51 17.58
N GLY A 136 -16.54 5.96 18.13
CA GLY A 136 -15.99 4.68 17.67
C GLY A 136 -16.99 3.53 17.70
N ASP A 137 -17.91 3.58 18.66
CA ASP A 137 -18.97 2.58 18.79
CA ASP A 137 -18.97 2.58 18.79
C ASP A 137 -19.98 2.65 17.64
N GLU A 138 -20.17 3.86 17.09
CA GLU A 138 -21.11 4.12 16.00
C GLU A 138 -20.56 3.80 14.61
N ILE A 139 -19.24 3.98 14.44
CA ILE A 139 -18.65 4.08 13.12
C ILE A 139 -18.60 2.74 12.36
N ASN A 140 -18.90 2.82 11.07
CA ASN A 140 -18.87 1.65 10.19
C ASN A 140 -18.62 2.05 8.74
N THR A 141 -18.58 1.05 7.84
CA THR A 141 -18.31 1.27 6.43
C THR A 141 -19.32 2.21 5.76
N ASP A 142 -20.56 2.20 6.25
CA ASP A 142 -21.64 3.01 5.67
C ASP A 142 -21.61 4.49 6.08
N ASN A 143 -21.04 4.79 7.25
CA ASN A 143 -21.21 6.10 7.86
C ASN A 143 -19.92 6.83 8.29
N TRP A 144 -18.76 6.28 7.95
CA TRP A 144 -17.49 6.81 8.46
C TRP A 144 -17.30 8.29 8.17
N TYR A 145 -17.65 8.72 6.96
CA TYR A 145 -17.49 10.11 6.56
C TYR A 145 -18.47 11.05 7.27
N GLU A 146 -19.62 10.51 7.66
CA GLU A 146 -20.58 11.29 8.47
C GLU A 146 -20.02 11.56 9.87
N ILE A 147 -19.37 10.56 10.44
CA ILE A 147 -18.66 10.72 11.72
C ILE A 147 -17.56 11.78 11.60
N LEU A 148 -16.78 11.72 10.52
CA LEU A 148 -15.70 12.69 10.30
C LEU A 148 -16.21 14.11 10.07
N ARG A 149 -17.43 14.23 9.57
CA ARG A 149 -18.08 15.54 9.38
C ARG A 149 -18.44 16.25 10.67
N ARG A 150 -18.54 15.50 11.78
CA ARG A 150 -18.92 16.07 13.06
C ARG A 150 -17.81 16.99 13.58
N PRO A 151 -18.16 18.22 13.99
CA PRO A 151 -17.18 19.26 14.30
C PRO A 151 -16.19 18.88 15.42
N ASP A 152 -16.60 18.01 16.33
CA ASP A 152 -15.76 17.60 17.45
C ASP A 152 -14.80 16.44 17.14
N VAL A 153 -14.90 15.89 15.94
CA VAL A 153 -14.07 14.75 15.53
C VAL A 153 -12.83 15.26 14.79
N ARG A 154 -11.66 14.75 15.19
CA ARG A 154 -10.40 15.11 14.55
C ARG A 154 -9.78 13.88 13.87
N TYR A 155 -9.33 14.06 12.63
CA TYR A 155 -8.70 12.97 11.88
C TYR A 155 -7.30 13.34 11.41
N GLY A 156 -6.47 12.33 11.26
CA GLY A 156 -5.09 12.51 10.84
C GLY A 156 -4.83 11.85 9.51
N PHE A 157 -3.90 12.44 8.76
CA PHE A 157 -3.37 11.83 7.55
C PHE A 157 -1.98 12.37 7.28
N SER A 158 -1.22 11.64 6.47
CA SER A 158 0.16 11.97 6.17
C SER A 158 0.26 13.11 5.17
N ASN A 159 1.44 13.73 5.11
CA ASN A 159 1.72 14.77 4.13
C ASN A 159 1.55 14.26 2.69
N PRO A 160 0.61 14.85 1.94
CA PRO A 160 0.31 14.36 0.59
C PRO A 160 1.36 14.70 -0.47
N ASN A 161 2.27 15.63 -0.16
CA ASN A 161 3.39 15.92 -1.04
C ASN A 161 4.46 14.84 -0.97
N ASP A 162 4.66 14.28 0.23
CA ASP A 162 5.85 13.46 0.50
C ASP A 162 5.59 11.98 0.75
N ASP A 163 4.38 11.66 1.21
CA ASP A 163 4.05 10.29 1.58
C ASP A 163 2.89 9.78 0.72
N PRO A 164 3.08 8.62 0.05
CA PRO A 164 1.98 8.00 -0.68
C PRO A 164 0.72 7.80 0.15
N ALA A 165 0.87 7.42 1.42
CA ALA A 165 -0.29 7.28 2.32
C ALA A 165 -1.05 8.60 2.44
N GLY A 166 -0.32 9.72 2.34
CA GLY A 166 -0.90 11.06 2.40
C GLY A 166 -1.77 11.40 1.20
N TYR A 167 -1.22 11.28 -0.01
CA TYR A 167 -2.05 11.55 -1.18
C TYR A 167 -3.16 10.51 -1.36
N ARG A 168 -2.92 9.28 -0.88
CA ARG A 168 -3.93 8.22 -0.92
C ARG A 168 -5.12 8.54 -0.03
N SER A 169 -4.89 9.20 1.11
CA SER A 169 -5.97 9.63 1.99
C SER A 169 -6.94 10.53 1.22
N GLN A 170 -6.39 11.38 0.36
CA GLN A 170 -7.17 12.33 -0.42
C GLN A 170 -7.93 11.62 -1.53
N MET A 171 -7.26 10.68 -2.17
CA MET A 171 -7.85 9.87 -3.25
C MET A 171 -9.07 9.08 -2.76
N VAL A 172 -8.90 8.39 -1.63
CA VAL A 172 -9.96 7.57 -1.05
C VAL A 172 -11.18 8.43 -0.71
N THR A 173 -10.92 9.59 -0.11
CA THR A 173 -11.99 10.50 0.29
C THR A 173 -12.77 11.05 -0.90
N GLN A 174 -12.06 11.34 -1.99
CA GLN A 174 -12.69 11.86 -3.21
C GLN A 174 -13.49 10.78 -3.92
N LEU A 175 -12.93 9.57 -4.00
CA LEU A 175 -13.62 8.43 -4.62
C LEU A 175 -14.89 8.04 -3.86
N ALA A 176 -14.91 8.32 -2.55
CA ALA A 176 -16.09 8.04 -1.72
C ALA A 176 -17.36 8.73 -2.23
N GLU A 177 -17.20 9.87 -2.88
CA GLU A 177 -18.33 10.67 -3.36
C GLU A 177 -19.23 9.92 -4.34
N SER A 178 -18.64 9.30 -5.36
CA SER A 178 -19.40 8.53 -6.33
C SER A 178 -19.99 7.26 -5.72
N TYR A 179 -19.24 6.63 -4.82
CA TYR A 179 -19.68 5.40 -4.17
C TYR A 179 -20.91 5.62 -3.29
N TYR A 180 -20.87 6.67 -2.47
CA TYR A 180 -21.94 6.96 -1.51
C TYR A 180 -23.00 7.94 -2.03
N ASN A 181 -22.83 8.39 -3.27
CA ASN A 181 -23.70 9.38 -3.89
C ASN A 181 -23.82 10.67 -3.06
N ASP A 182 -22.67 11.19 -2.66
CA ASP A 182 -22.59 12.39 -1.82
C ASP A 182 -21.46 13.27 -2.35
N ASP A 183 -21.81 14.34 -3.04
CA ASP A 183 -20.83 15.18 -3.73
C ASP A 183 -20.21 16.28 -2.87
N MET A 184 -20.30 16.12 -1.54
CA MET A 184 -19.74 17.10 -0.62
C MET A 184 -18.77 16.50 0.41
N ILE A 185 -18.48 15.21 0.28
CA ILE A 185 -17.56 14.54 1.23
C ILE A 185 -16.18 15.17 1.20
N TYR A 186 -15.59 15.28 0.01
CA TYR A 186 -14.25 15.84 -0.13
C TYR A 186 -14.21 17.32 0.24
N ASP A 187 -15.24 18.07 -0.15
CA ASP A 187 -15.36 19.47 0.19
C ASP A 187 -15.40 19.66 1.71
N ASP A 188 -16.37 19.00 2.35
CA ASP A 188 -16.58 19.13 3.80
C ASP A 188 -15.35 18.73 4.61
N LEU A 189 -14.72 17.62 4.24
CA LEU A 189 -13.61 17.08 5.02
C LEU A 189 -12.26 17.72 4.71
N MET A 190 -12.00 17.95 3.42
CA MET A 190 -10.66 18.37 2.99
C MET A 190 -10.58 19.81 2.46
N LEU A 191 -11.42 20.17 1.51
CA LEU A 191 -11.39 21.52 0.93
C LEU A 191 -11.68 22.60 1.96
N ALA A 192 -12.62 22.33 2.85
CA ALA A 192 -13.04 23.31 3.87
C ALA A 192 -11.98 23.50 4.96
N ASN A 193 -11.10 22.51 5.11
CA ASN A 193 -10.15 22.47 6.21
C ASN A 193 -8.67 22.51 5.81
N THR A 194 -8.39 22.72 4.53
CA THR A 194 -7.00 22.77 4.04
C THR A 194 -6.86 23.74 2.86
N GLY A 195 -5.61 23.94 2.44
CA GLY A 195 -5.31 24.73 1.25
C GLY A 195 -5.26 23.91 -0.02
N MET A 196 -5.64 22.63 0.07
CA MET A 196 -5.77 21.79 -1.11
C MET A 196 -7.02 22.21 -1.89
N THR A 197 -6.94 22.13 -3.22
CA THR A 197 -8.04 22.50 -4.10
C THR A 197 -8.36 21.36 -5.06
N LEU A 198 -9.50 21.48 -5.76
CA LEU A 198 -9.94 20.45 -6.69
C LEU A 198 -10.47 21.07 -7.98
N THR A 199 -10.03 20.50 -9.10
CA THR A 199 -10.57 20.86 -10.42
C THR A 199 -11.05 19.59 -11.12
N THR A 200 -11.95 19.76 -12.09
CA THR A 200 -12.41 18.66 -12.93
C THR A 200 -11.74 18.77 -14.29
N GLU A 201 -10.98 17.75 -14.65
CA GLU A 201 -10.29 17.70 -15.93
C GLU A 201 -11.30 17.53 -17.06
N GLU A 202 -10.88 17.84 -18.30
CA GLU A 202 -11.74 17.74 -19.48
C GLU A 202 -12.32 16.34 -19.70
N ASN A 203 -11.65 15.33 -19.16
CA ASN A 203 -12.06 13.93 -19.33
C ASN A 203 -12.93 13.37 -18.19
N GLY A 204 -13.22 14.20 -17.20
CA GLY A 204 -14.05 13.80 -16.07
C GLY A 204 -13.28 13.42 -14.81
N THR A 205 -11.96 13.30 -14.93
CA THR A 205 -11.08 12.96 -13.81
C THR A 205 -11.02 14.11 -12.80
N ALA A 206 -11.16 13.78 -11.52
CA ALA A 206 -10.98 14.75 -10.46
C ALA A 206 -9.49 14.97 -10.21
N LEU A 207 -9.10 16.24 -10.19
CA LEU A 207 -7.70 16.61 -9.96
C LEU A 207 -7.53 17.40 -8.67
N ILE A 208 -6.91 16.76 -7.67
CA ILE A 208 -6.62 17.39 -6.40
C ILE A 208 -5.28 18.12 -6.49
N HIS A 209 -5.26 19.39 -6.10
CA HIS A 209 -4.04 20.19 -6.15
C HIS A 209 -3.49 20.43 -4.74
N VAL A 210 -2.27 19.96 -4.51
CA VAL A 210 -1.59 20.16 -3.22
C VAL A 210 -0.59 21.30 -3.34
N PRO A 211 -0.77 22.35 -2.51
CA PRO A 211 0.17 23.48 -2.52
C PRO A 211 1.44 23.11 -1.75
N ALA A 212 2.37 24.05 -1.62
CA ALA A 212 3.56 23.85 -0.80
C ALA A 212 3.13 23.35 0.58
N SER A 213 3.89 22.41 1.14
CA SER A 213 3.54 21.80 2.43
C SER A 213 3.20 22.85 3.50
N GLU A 214 3.98 23.92 3.55
CA GLU A 214 3.74 25.02 4.49
C GLU A 214 2.50 25.86 4.15
N GLU A 215 1.90 25.60 2.98
CA GLU A 215 0.68 26.30 2.55
C GLU A 215 -0.59 25.43 2.63
N ILE A 216 -0.43 24.16 3.01
CA ILE A 216 -1.59 23.29 3.22
C ILE A 216 -2.40 23.82 4.40
N SER A 217 -1.69 24.25 5.44
CA SER A 217 -2.26 24.99 6.58
C SER A 217 -3.60 24.43 7.07
N PRO A 218 -3.61 23.17 7.55
CA PRO A 218 -4.87 22.54 7.96
C PRO A 218 -5.52 23.23 9.16
N ASN A 219 -6.84 23.19 9.20
CA ASN A 219 -7.60 23.52 10.39
C ASN A 219 -7.33 22.45 11.44
N THR A 220 -6.54 22.80 12.46
CA THR A 220 -6.04 21.81 13.42
C THR A 220 -7.10 21.28 14.39
N SER A 221 -8.25 21.94 14.43
CA SER A 221 -9.40 21.42 15.18
C SER A 221 -9.96 20.18 14.48
N LYS A 222 -9.76 20.11 13.17
CA LYS A 222 -10.29 19.02 12.35
C LYS A 222 -9.22 18.03 11.89
N ILE A 223 -8.01 18.51 11.67
CA ILE A 223 -6.97 17.71 11.02
C ILE A 223 -5.64 17.74 11.77
N MET A 224 -4.99 16.58 11.84
CA MET A 224 -3.57 16.53 12.15
C MET A 224 -2.84 16.02 10.92
N LEU A 225 -1.92 16.83 10.43
CA LEU A 225 -1.14 16.48 9.24
C LEU A 225 0.33 16.42 9.63
N ARG A 226 0.96 15.28 9.36
CA ARG A 226 2.37 15.08 9.69
C ARG A 226 3.16 14.41 8.57
N SER A 227 4.45 14.74 8.51
CA SER A 227 5.36 14.11 7.59
C SER A 227 5.71 12.71 8.07
N MET A 228 5.97 12.59 9.37
CA MET A 228 6.38 11.32 9.94
C MET A 228 5.18 10.58 10.50
N GLU A 229 4.84 9.45 9.85
CA GLU A 229 3.63 8.70 10.19
C GLU A 229 3.57 8.26 11.65
N VAL A 230 4.74 8.00 12.25
CA VAL A 230 4.77 7.58 13.65
C VAL A 230 4.20 8.65 14.60
N GLU A 231 4.27 9.92 14.20
CA GLU A 231 3.65 11.00 14.97
C GLU A 231 2.13 10.86 14.97
N LEU A 232 1.58 10.41 13.86
CA LEU A 232 0.13 10.23 13.71
C LEU A 232 -0.38 9.01 14.46
N SER A 233 0.37 7.91 14.36
CA SER A 233 -0.01 6.69 15.10
C SER A 233 0.09 6.91 16.61
N SER A 234 1.12 7.65 17.06
CA SER A 234 1.25 8.03 18.47
CA SER A 234 1.25 8.03 18.47
C SER A 234 0.06 8.89 18.91
N ALA A 235 -0.34 9.84 18.07
CA ALA A 235 -1.47 10.71 18.34
C ALA A 235 -2.79 9.93 18.46
N LEU A 236 -2.97 8.91 17.62
CA LEU A 236 -4.16 8.07 17.71
C LEU A 236 -4.17 7.26 19.01
N GLU A 237 -3.00 6.74 19.37
CA GLU A 237 -2.83 5.95 20.58
C GLU A 237 -3.20 6.73 21.85
N THR A 238 -2.85 8.02 21.88
CA THR A 238 -3.10 8.87 23.03
C THR A 238 -4.48 9.54 23.00
N GLY A 239 -5.17 9.41 21.87
CA GLY A 239 -6.50 10.02 21.71
C GLY A 239 -6.48 11.45 21.22
N GLU A 240 -5.29 11.95 20.87
CA GLU A 240 -5.12 13.29 20.31
C GLU A 240 -5.87 13.45 18.98
N ILE A 241 -5.96 12.36 18.24
CA ILE A 241 -6.86 12.29 17.08
C ILE A 241 -7.81 11.12 17.27
N ASP A 242 -8.96 11.18 16.58
CA ASP A 242 -9.97 10.16 16.69
C ASP A 242 -9.84 9.11 15.60
N TYR A 243 -9.46 9.56 14.41
CA TYR A 243 -9.41 8.68 13.23
C TYR A 243 -8.17 8.95 12.42
N LEU A 244 -7.67 7.91 11.75
CA LEU A 244 -6.40 8.00 11.05
C LEU A 244 -6.45 7.21 9.75
N TYR A 245 -6.15 7.91 8.65
CA TYR A 245 -6.05 7.28 7.34
C TYR A 245 -4.68 6.60 7.24
N ILE A 246 -4.67 5.27 7.31
CA ILE A 246 -3.43 4.48 7.17
C ILE A 246 -3.71 3.13 6.52
N TYR A 247 -2.66 2.42 6.15
CA TYR A 247 -2.81 1.06 5.61
C TYR A 247 -3.25 0.09 6.69
N ARG A 248 -3.98 -0.94 6.29
CA ARG A 248 -4.43 -2.00 7.19
C ARG A 248 -3.26 -2.66 7.94
N SER A 249 -2.14 -2.86 7.23
CA SER A 249 -0.95 -3.48 7.81
C SER A 249 -0.46 -2.69 9.03
N VAL A 250 -0.42 -1.36 8.89
CA VAL A 250 0.01 -0.47 9.95
C VAL A 250 -0.96 -0.52 11.14
N ALA A 251 -2.26 -0.47 10.85
CA ALA A 251 -3.28 -0.56 11.89
C ALA A 251 -3.15 -1.85 12.69
N GLU A 252 -2.97 -2.97 11.99
CA GLU A 252 -2.86 -4.27 12.66
C GLU A 252 -1.58 -4.40 13.48
N GLN A 253 -0.50 -3.83 12.98
CA GLN A 253 0.78 -3.82 13.70
C GLN A 253 0.68 -3.06 15.03
N HIS A 254 -0.10 -1.97 15.04
CA HIS A 254 -0.30 -1.15 16.23
C HIS A 254 -1.45 -1.60 17.12
N GLY A 255 -2.19 -2.60 16.64
CA GLY A 255 -3.36 -3.10 17.36
C GLY A 255 -4.53 -2.12 17.36
N PHE A 256 -4.60 -1.28 16.33
CA PHE A 256 -5.71 -0.34 16.17
C PHE A 256 -6.93 -1.06 15.64
N GLU A 257 -8.10 -0.56 16.02
CA GLU A 257 -9.33 -0.95 15.36
C GLU A 257 -9.38 -0.20 14.03
N TYR A 258 -10.19 -0.67 13.10
CA TYR A 258 -10.36 0.07 11.85
C TYR A 258 -11.68 -0.18 11.14
N VAL A 259 -12.07 0.80 10.34
CA VAL A 259 -13.20 0.67 9.43
C VAL A 259 -12.64 0.18 8.11
N ALA A 260 -13.13 -0.96 7.65
CA ALA A 260 -12.83 -1.45 6.31
C ALA A 260 -13.62 -0.59 5.33
N LEU A 261 -12.96 -0.17 4.26
CA LEU A 261 -13.59 0.68 3.26
C LEU A 261 -13.93 -0.14 2.01
N PRO A 262 -14.92 0.31 1.23
CA PRO A 262 -15.30 -0.47 0.04
C PRO A 262 -14.12 -0.61 -0.91
N PRO A 263 -13.96 -1.81 -1.52
CA PRO A 263 -12.88 -2.03 -2.49
C PRO A 263 -12.93 -1.07 -3.67
N ALA A 264 -14.12 -0.55 -3.98
CA ALA A 264 -14.26 0.45 -5.05
C ALA A 264 -13.46 1.71 -4.78
N ILE A 265 -13.16 2.00 -3.51
CA ILE A 265 -12.47 3.23 -3.15
C ILE A 265 -11.18 3.05 -2.34
N ASP A 266 -10.91 1.85 -1.85
CA ASP A 266 -9.83 1.67 -0.87
C ASP A 266 -8.44 1.37 -1.45
N LEU A 267 -8.36 1.35 -2.79
CA LEU A 267 -7.11 1.20 -3.54
C LEU A 267 -6.46 -0.18 -3.42
N SER A 268 -7.24 -1.18 -3.01
CA SER A 268 -6.71 -2.50 -2.70
C SER A 268 -6.78 -3.50 -3.86
N SER A 269 -7.64 -3.22 -4.83
CA SER A 269 -8.08 -4.25 -5.77
C SER A 269 -7.75 -3.96 -7.23
N LEU A 270 -7.04 -4.90 -7.86
CA LEU A 270 -6.70 -4.82 -9.28
C LEU A 270 -7.94 -4.62 -10.13
N GLU A 271 -9.04 -5.26 -9.73
CA GLU A 271 -10.30 -5.25 -10.47
C GLU A 271 -11.00 -3.89 -10.49
N TYR A 272 -10.61 -3.00 -9.59
CA TYR A 272 -11.20 -1.65 -9.51
C TYR A 272 -10.24 -0.56 -9.99
N ALA A 273 -9.20 -0.96 -10.71
CA ALA A 273 -8.20 -0.02 -11.25
C ALA A 273 -8.82 1.13 -12.05
N ASP A 274 -9.84 0.83 -12.85
CA ASP A 274 -10.49 1.86 -13.66
C ASP A 274 -11.34 2.84 -12.84
N ASN A 275 -11.79 2.42 -11.66
CA ASN A 275 -12.43 3.37 -10.74
C ASN A 275 -11.43 4.24 -10.01
N TYR A 276 -10.32 3.64 -9.57
CA TYR A 276 -9.28 4.37 -8.84
C TYR A 276 -8.67 5.49 -9.68
N SER A 277 -8.56 5.26 -11.00
CA SER A 277 -7.93 6.20 -11.90
C SER A 277 -8.76 7.47 -12.15
N LYS A 278 -9.98 7.51 -11.60
CA LYS A 278 -10.87 8.66 -11.74
C LYS A 278 -10.47 9.82 -10.82
N VAL A 279 -9.41 9.63 -10.03
CA VAL A 279 -8.85 10.69 -9.20
C VAL A 279 -7.33 10.77 -9.38
N GLN A 280 -6.83 11.99 -9.47
CA GLN A 280 -5.42 12.28 -9.57
C GLN A 280 -5.05 13.35 -8.55
N VAL A 281 -3.79 13.35 -8.13
CA VAL A 281 -3.29 14.33 -7.17
C VAL A 281 -2.05 14.99 -7.75
N GLU A 282 -2.09 16.32 -7.84
CA GLU A 282 -0.95 17.11 -8.27
C GLU A 282 -0.23 17.68 -7.06
N MET A 283 1.00 17.22 -6.84
CA MET A 283 1.83 17.67 -5.73
C MET A 283 2.48 19.02 -6.07
N VAL A 284 3.05 19.68 -5.07
CA VAL A 284 3.63 21.02 -5.25
C VAL A 284 4.65 21.12 -6.39
N ASN A 285 5.47 20.07 -6.55
CA ASN A 285 6.52 20.04 -7.57
C ASN A 285 6.02 19.97 -9.01
N GLY A 286 4.74 19.62 -9.18
CA GLY A 286 4.14 19.48 -10.51
C GLY A 286 3.88 18.04 -10.89
N GLU A 287 4.52 17.11 -10.18
CA GLU A 287 4.31 15.68 -10.39
C GLU A 287 2.86 15.30 -10.07
N VAL A 288 2.26 14.53 -10.97
CA VAL A 288 0.90 14.04 -10.79
C VAL A 288 0.91 12.53 -10.54
N VAL A 289 0.16 12.10 -9.53
CA VAL A 289 -0.05 10.67 -9.26
C VAL A 289 -1.51 10.31 -9.49
N THR A 290 -1.75 9.07 -9.90
CA THR A 290 -3.09 8.59 -10.22
C THR A 290 -3.50 7.50 -9.25
N GLY A 291 -4.76 7.52 -8.83
CA GLY A 291 -5.32 6.43 -8.00
C GLY A 291 -5.13 5.10 -8.70
N SER A 292 -4.57 4.14 -7.98
CA SER A 292 -4.22 2.83 -8.55
C SER A 292 -4.10 1.78 -7.45
N PRO A 293 -4.24 0.49 -7.80
CA PRO A 293 -4.14 -0.58 -6.80
C PRO A 293 -2.78 -0.62 -6.10
N ILE A 294 -2.79 -0.86 -4.80
CA ILE A 294 -1.58 -1.01 -4.01
C ILE A 294 -1.28 -2.49 -3.95
N VAL A 295 -0.54 -2.97 -4.96
CA VAL A 295 -0.40 -4.40 -5.16
C VAL A 295 1.07 -4.79 -5.25
N TYR A 296 1.44 -5.81 -4.47
CA TYR A 296 2.81 -6.31 -4.38
C TYR A 296 3.15 -7.25 -5.52
N GLY A 297 4.38 -7.15 -6.03
CA GLY A 297 4.85 -8.04 -7.10
C GLY A 297 6.15 -8.74 -6.78
N VAL A 298 6.32 -9.92 -7.34
CA VAL A 298 7.55 -10.71 -7.14
C VAL A 298 8.08 -11.27 -8.46
N THR A 299 9.39 -11.40 -8.54
CA THR A 299 10.03 -12.10 -9.64
C THR A 299 11.33 -12.72 -9.18
N ILE A 300 11.84 -13.64 -9.99
CA ILE A 300 13.19 -14.17 -9.85
C ILE A 300 13.96 -13.56 -11.02
N PRO A 301 14.93 -12.68 -10.73
CA PRO A 301 15.68 -12.01 -11.80
C PRO A 301 16.38 -12.98 -12.75
N ASN A 302 16.50 -12.58 -14.01
CA ASN A 302 17.12 -13.38 -15.07
C ASN A 302 18.57 -13.75 -14.75
N ASN A 303 19.22 -12.93 -13.90
CA ASN A 303 20.61 -13.16 -13.51
C ASN A 303 20.82 -13.70 -12.08
N ALA A 304 19.77 -14.26 -11.51
CA ALA A 304 19.83 -14.89 -10.18
C ALA A 304 20.93 -15.95 -10.12
N GLU A 305 21.72 -15.93 -9.05
CA GLU A 305 22.84 -16.86 -8.89
C GLU A 305 22.38 -18.24 -8.43
N ASN A 306 21.29 -18.28 -7.68
CA ASN A 306 20.67 -19.53 -7.27
C ASN A 306 19.19 -19.53 -7.60
N SER A 307 18.88 -19.71 -8.88
CA SER A 307 17.50 -19.65 -9.36
C SER A 307 16.65 -20.81 -8.85
N GLU A 308 17.27 -21.98 -8.68
CA GLU A 308 16.57 -23.17 -8.22
C GLU A 308 16.09 -23.01 -6.78
N LEU A 309 16.93 -22.44 -5.93
CA LEU A 309 16.56 -22.17 -4.54
C LEU A 309 15.53 -21.06 -4.46
N ALA A 310 15.66 -20.07 -5.36
CA ALA A 310 14.71 -18.96 -5.46
C ALA A 310 13.30 -19.47 -5.77
N THR A 311 13.23 -20.45 -6.67
CA THR A 311 11.96 -21.08 -7.02
C THR A 311 11.27 -21.65 -5.79
N GLU A 312 12.02 -22.36 -4.95
CA GLU A 312 11.45 -22.95 -3.74
C GLU A 312 10.97 -21.89 -2.75
N PHE A 313 11.70 -20.78 -2.62
CA PHE A 313 11.30 -19.67 -1.75
C PHE A 313 10.02 -19.01 -2.23
N VAL A 314 9.93 -18.74 -3.53
CA VAL A 314 8.75 -18.10 -4.11
C VAL A 314 7.54 -19.04 -4.02
N ALA A 315 7.79 -20.34 -4.15
CA ALA A 315 6.74 -21.34 -3.97
C ALA A 315 6.16 -21.27 -2.55
N LEU A 316 7.03 -21.09 -1.56
CA LEU A 316 6.61 -20.93 -0.17
C LEU A 316 5.77 -19.66 0.00
N LEU A 317 6.25 -18.57 -0.60
CA LEU A 317 5.57 -17.28 -0.59
C LEU A 317 4.18 -17.31 -1.22
N LEU A 318 4.07 -17.95 -2.39
CA LEU A 318 2.80 -17.98 -3.12
C LEU A 318 1.85 -19.06 -2.61
N GLY A 319 2.41 -20.05 -1.91
CA GLY A 319 1.64 -21.17 -1.39
C GLY A 319 0.91 -20.85 -0.09
N GLU A 320 0.26 -21.87 0.47
CA GLU A 320 -0.60 -21.70 1.64
C GLU A 320 0.09 -21.07 2.85
N THR A 321 1.38 -21.39 3.03
CA THR A 321 2.17 -20.86 4.13
C THR A 321 2.37 -19.35 4.01
N GLY A 322 2.79 -18.90 2.83
CA GLY A 322 2.96 -17.47 2.55
C GLY A 322 1.65 -16.70 2.60
N GLN A 323 0.59 -17.32 2.10
CA GLN A 323 -0.75 -16.72 2.11
C GLN A 323 -1.20 -16.38 3.53
N GLN A 324 -1.06 -17.33 4.45
CA GLN A 324 -1.49 -17.12 5.83
C GLN A 324 -0.62 -16.07 6.53
N ILE A 325 0.67 -16.10 6.24
CA ILE A 325 1.61 -15.10 6.78
C ILE A 325 1.18 -13.68 6.36
N PHE A 326 0.79 -13.52 5.10
CA PHE A 326 0.36 -12.21 4.63
C PHE A 326 -0.99 -11.77 5.17
N ILE A 327 -1.92 -12.72 5.30
CA ILE A 327 -3.21 -12.48 5.96
C ILE A 327 -2.95 -11.95 7.38
N GLU A 328 -2.06 -12.62 8.10
CA GLU A 328 -1.76 -12.28 9.49
C GLU A 328 -1.07 -10.91 9.68
N ASN A 329 -0.49 -10.38 8.61
CA ASN A 329 0.14 -9.06 8.66
C ASN A 329 -0.69 -7.95 7.99
N GLY A 330 -1.96 -8.24 7.73
CA GLY A 330 -2.89 -7.26 7.19
C GLY A 330 -2.58 -6.84 5.76
N GLN A 331 -1.95 -7.74 5.02
CA GLN A 331 -1.63 -7.54 3.61
C GLN A 331 -2.22 -8.71 2.80
N PRO A 332 -3.55 -8.68 2.56
CA PRO A 332 -4.28 -9.83 2.01
C PRO A 332 -3.68 -10.36 0.71
N PRO A 333 -3.42 -11.68 0.66
CA PRO A 333 -2.85 -12.28 -0.55
C PRO A 333 -3.85 -12.33 -1.69
N ILE A 334 -3.33 -12.28 -2.92
CA ILE A 334 -4.12 -12.52 -4.12
C ILE A 334 -3.96 -14.01 -4.43
N VAL A 335 -5.07 -14.74 -4.41
CA VAL A 335 -5.03 -16.20 -4.48
C VAL A 335 -6.03 -16.77 -5.51
N PRO A 336 -5.52 -17.47 -6.54
CA PRO A 336 -4.09 -17.63 -6.83
C PRO A 336 -3.47 -16.31 -7.28
N ALA A 337 -2.15 -16.20 -7.15
CA ALA A 337 -1.44 -15.01 -7.60
C ALA A 337 -1.64 -14.84 -9.10
N ILE A 338 -1.63 -13.59 -9.53
CA ILE A 338 -1.83 -13.27 -10.94
C ILE A 338 -0.47 -13.01 -11.59
N ALA A 339 -0.15 -13.80 -12.61
CA ALA A 339 1.16 -13.74 -13.26
C ALA A 339 1.11 -13.23 -14.69
N GLU A 340 2.16 -12.52 -15.07
CA GLU A 340 2.44 -12.19 -16.46
C GLU A 340 3.70 -12.96 -16.83
N GLY A 341 3.68 -13.60 -18.00
CA GLY A 341 4.81 -14.41 -18.44
C GLY A 341 4.78 -15.79 -17.80
N LYS A 342 3.58 -16.26 -17.48
CA LYS A 342 3.39 -17.58 -16.86
C LYS A 342 4.12 -18.72 -17.58
N ASP A 343 4.06 -18.74 -18.91
CA ASP A 343 4.71 -19.84 -19.64
C ASP A 343 6.25 -19.82 -19.62
N SER A 344 6.81 -18.74 -19.07
CA SER A 344 8.26 -18.64 -18.87
C SER A 344 8.66 -18.87 -17.40
N MET A 345 7.68 -19.20 -16.57
CA MET A 345 7.91 -19.46 -15.14
C MET A 345 8.31 -20.91 -14.90
N PRO A 346 9.05 -21.17 -13.80
CA PRO A 346 9.31 -22.56 -13.40
C PRO A 346 8.00 -23.33 -13.21
N GLU A 347 8.00 -24.60 -13.61
CA GLU A 347 6.81 -25.46 -13.48
C GLU A 347 6.17 -25.36 -12.10
N GLU A 348 7.00 -25.42 -11.05
CA GLU A 348 6.50 -25.38 -9.69
C GLU A 348 5.69 -24.13 -9.38
N LEU A 349 6.14 -23.00 -9.94
CA LEU A 349 5.45 -21.73 -9.73
C LEU A 349 4.21 -21.57 -10.59
N GLN A 350 4.21 -22.16 -11.79
CA GLN A 350 3.04 -22.11 -12.66
C GLN A 350 1.80 -22.69 -11.95
N ALA A 351 2.01 -23.66 -11.07
CA ALA A 351 0.91 -24.30 -10.34
C ALA A 351 0.27 -23.39 -9.29
N LEU A 352 0.94 -22.27 -9.01
CA LEU A 352 0.54 -21.36 -7.93
C LEU A 352 -0.02 -20.02 -8.44
N VAL A 353 -0.13 -19.90 -9.76
CA VAL A 353 -0.63 -18.67 -10.38
C VAL A 353 -1.80 -18.97 -11.31
N VAL A 354 -2.62 -17.96 -11.58
CA VAL A 354 -3.85 -18.12 -12.38
C VAL A 354 -3.55 -18.78 -13.73
C1 CIT B . 8.28 1.95 -1.31
O1 CIT B . 8.51 0.74 -1.52
O2 CIT B . 8.75 2.79 -2.09
C2 CIT B . 7.44 2.38 -0.13
C3 CIT B . 7.96 1.75 1.17
O7 CIT B . 9.39 1.91 1.26
C4 CIT B . 7.15 2.64 2.23
C5 CIT B . 5.69 2.75 1.93
O3 CIT B . 5.03 3.75 2.53
O4 CIT B . 5.24 2.05 1.05
C6 CIT B . 7.63 0.27 1.24
O5 CIT B . 6.53 -0.18 0.86
O6 CIT B . 8.47 -0.52 1.69
#